data_9EEZ
#
_entry.id   9EEZ
#
_cell.length_a   40.144
_cell.length_b   64.194
_cell.length_c   137.182
_cell.angle_alpha   90.000
_cell.angle_beta   90.000
_cell.angle_gamma   90.000
#
_symmetry.space_group_name_H-M   'P 21 21 21'
#
loop_
_entity.id
_entity.type
_entity.pdbx_description
1 polymer 'Tyrosine-protein phosphatase non-receptor type 5'
2 non-polymer '[4-(bromoacetyl)phenoxy]acetic acid'
3 non-polymer 'DIMETHYL SULFOXIDE'
4 non-polymer 'SULFATE ION'
5 water water
#
_entity_poly.entity_id   1
_entity_poly.type   'polypeptide(L)'
_entity_poly.pdbx_seq_one_letter_code
;MHHHHHHSSGVDLGTENLYFQSMSRVLQAEELHEKALDPFLLQAEFFEIPMNFVDPKEYDIPGLVRKNRYKTILPNPHSR
VCLTSPDPDDPLSSYINANYIRGYGGEEKVYIATQGPIVSTVADFWRMVWQEHTPIIVMITNIEEMNEKCTEYWPEEQVA
YDGVEITVQKVIHTEDYRLRLISLKSGTEERGLKHYWFTSWPDQKTPDRAPPLLHLVREVEEAAQQEGPHCAPIIVHCSA
GIGRTGCFIATSICCQQLRQEGVVDILKTTCQLRQDRGGMIQTCEQYQFVHHVMSLYEKQLSHQS
;
_entity_poly.pdbx_strand_id   A
#
loop_
_chem_comp.id
_chem_comp.type
_chem_comp.name
_chem_comp.formula
A1BHT non-polymer '[4-(bromoacetyl)phenoxy]acetic acid' 'C10 H9 Br O4'
DMS non-polymer 'DIMETHYL SULFOXIDE' 'C2 H6 O S'
SO4 non-polymer 'SULFATE ION' 'O4 S -2'
#
# COMPACT_ATOMS: atom_id res chain seq x y z
N SER A 22 12.38 18.25 -2.57
CA SER A 22 11.78 17.84 -1.30
C SER A 22 10.79 18.89 -0.75
N MET A 23 9.51 18.55 -0.75
CA MET A 23 8.41 19.43 -0.37
C MET A 23 7.91 19.06 1.04
N SER A 24 7.36 20.03 1.76
CA SER A 24 6.90 19.83 3.12
C SER A 24 5.93 20.90 3.55
N ARG A 25 4.88 20.51 4.25
CA ARG A 25 3.97 21.43 4.92
C ARG A 25 3.51 20.76 6.21
N VAL A 26 4.15 21.14 7.30
CA VAL A 26 3.89 20.57 8.61
C VAL A 26 2.60 21.17 9.15
N LEU A 27 1.59 20.31 9.44
CA LEU A 27 0.28 20.71 9.89
C LEU A 27 0.09 20.39 11.39
N GLN A 28 -0.16 21.42 12.17
CA GLN A 28 -0.74 21.25 13.51
C GLN A 28 -2.25 21.03 13.44
N ALA A 29 -2.86 20.71 14.60
CA ALA A 29 -4.24 20.23 14.61
C ALA A 29 -5.24 21.18 13.93
N GLU A 30 -5.23 22.47 14.29
CA GLU A 30 -6.17 23.41 13.72
C GLU A 30 -6.02 23.50 12.21
N GLU A 31 -4.77 23.59 11.72
CA GLU A 31 -4.61 23.73 10.27
C GLU A 31 -4.97 22.43 9.55
N LEU A 32 -4.74 21.29 10.21
CA LEU A 32 -5.13 20.02 9.61
C LEU A 32 -6.64 19.95 9.39
N HIS A 33 -7.42 20.29 10.41
CA HIS A 33 -8.87 20.21 10.26
C HIS A 33 -9.34 21.11 9.12
N GLU A 34 -8.81 22.34 9.06
N GLU A 34 -8.82 22.34 9.06
CA GLU A 34 -9.22 23.27 8.01
CA GLU A 34 -9.20 23.28 8.00
C GLU A 34 -8.68 22.88 6.64
C GLU A 34 -8.69 22.84 6.64
N LYS A 35 -7.41 22.43 6.55
CA LYS A 35 -6.83 22.01 5.29
C LYS A 35 -7.66 20.90 4.63
N ALA A 36 -8.16 19.91 5.44
CA ALA A 36 -8.91 18.81 4.84
C ALA A 36 -10.19 19.26 4.19
N LEU A 37 -10.67 20.43 4.58
CA LEU A 37 -11.94 20.94 4.08
C LEU A 37 -11.78 22.03 3.04
N ASP A 38 -10.53 22.28 2.56
CA ASP A 38 -10.28 23.31 1.54
C ASP A 38 -9.81 22.64 0.25
N PRO A 39 -10.71 22.20 -0.60
CA PRO A 39 -10.32 21.51 -1.81
C PRO A 39 -9.55 22.37 -2.81
N PHE A 40 -9.72 23.69 -2.80
CA PHE A 40 -8.97 24.51 -3.73
C PHE A 40 -7.49 24.53 -3.39
N LEU A 41 -7.16 24.73 -2.10
CA LEU A 41 -5.76 24.66 -1.69
C LEU A 41 -5.23 23.25 -1.86
N LEU A 42 -6.05 22.22 -1.52
CA LEU A 42 -5.54 20.85 -1.70
C LEU A 42 -5.18 20.58 -3.16
N GLN A 43 -6.02 21.01 -4.14
CA GLN A 43 -5.66 20.69 -5.52
CA GLN A 43 -5.67 20.71 -5.53
C GLN A 43 -4.48 21.54 -5.98
N ALA A 44 -4.34 22.75 -5.48
CA ALA A 44 -3.20 23.57 -5.85
C ALA A 44 -1.90 22.90 -5.37
N GLU A 45 -1.94 22.37 -4.15
CA GLU A 45 -0.76 21.72 -3.58
C GLU A 45 -0.48 20.38 -4.24
N PHE A 46 -1.48 19.55 -4.40
CA PHE A 46 -1.34 18.25 -4.99
C PHE A 46 -0.75 18.30 -6.38
N PHE A 47 -1.24 19.20 -7.24
CA PHE A 47 -0.81 19.10 -8.61
C PHE A 47 0.53 19.74 -8.84
N GLU A 48 1.18 20.24 -7.81
CA GLU A 48 2.60 20.57 -7.89
C GLU A 48 3.54 19.44 -7.54
N ILE A 49 3.02 18.30 -7.05
CA ILE A 49 3.88 17.16 -6.73
C ILE A 49 4.12 16.41 -8.03
N PRO A 50 5.37 16.23 -8.42
CA PRO A 50 5.66 15.44 -9.63
C PRO A 50 5.19 14.00 -9.48
N MET A 51 4.63 13.44 -10.56
CA MET A 51 4.25 12.02 -10.51
C MET A 51 5.45 11.08 -10.44
N ASN A 52 6.61 11.48 -11.03
CA ASN A 52 7.81 10.62 -11.05
C ASN A 52 7.55 9.27 -11.72
N PHE A 53 6.79 9.28 -12.82
CA PHE A 53 6.61 8.07 -13.59
C PHE A 53 7.89 7.70 -14.36
N VAL A 54 8.01 6.42 -14.66
CA VAL A 54 9.17 5.83 -15.31
C VAL A 54 8.98 5.91 -16.82
N ASP A 55 10.07 6.12 -17.54
CA ASP A 55 10.04 6.10 -19.02
C ASP A 55 9.83 4.68 -19.51
N PRO A 56 8.74 4.38 -20.22
CA PRO A 56 8.50 2.98 -20.65
C PRO A 56 9.68 2.34 -21.34
N LYS A 57 10.50 3.12 -22.04
CA LYS A 57 11.66 2.57 -22.73
C LYS A 57 12.79 2.22 -21.78
N GLU A 58 12.55 2.31 -20.47
CA GLU A 58 13.50 1.77 -19.49
C GLU A 58 13.44 0.26 -19.44
N TYR A 59 12.28 -0.33 -19.76
CA TYR A 59 12.09 -1.79 -19.80
C TYR A 59 11.79 -2.17 -21.25
N ASP A 60 12.83 -2.57 -22.00
CA ASP A 60 12.71 -2.98 -23.40
C ASP A 60 12.67 -4.50 -23.57
N ILE A 61 12.52 -5.24 -22.48
CA ILE A 61 12.46 -6.70 -22.61
C ILE A 61 11.25 -7.07 -23.47
N PRO A 62 11.37 -8.06 -24.34
CA PRO A 62 10.18 -8.54 -25.06
C PRO A 62 9.36 -9.47 -24.19
N GLY A 63 8.04 -9.37 -24.33
CA GLY A 63 7.14 -10.15 -23.51
C GLY A 63 6.90 -9.58 -22.13
N LEU A 64 7.57 -8.47 -21.79
CA LEU A 64 7.39 -7.87 -20.48
C LEU A 64 6.02 -7.19 -20.35
N VAL A 65 5.46 -6.73 -21.46
CA VAL A 65 4.16 -6.07 -21.40
C VAL A 65 3.06 -7.01 -20.95
N ARG A 66 3.28 -8.33 -21.05
CA ARG A 66 2.29 -9.26 -20.53
C ARG A 66 2.24 -9.29 -19.01
N LYS A 67 3.21 -8.67 -18.35
CA LYS A 67 3.27 -8.69 -16.90
C LYS A 67 2.82 -7.38 -16.26
N ASN A 68 2.40 -6.40 -17.06
CA ASN A 68 1.94 -5.11 -16.57
C ASN A 68 0.46 -4.90 -16.87
N ARG A 69 -0.31 -4.51 -15.84
CA ARG A 69 -1.72 -4.17 -16.05
C ARG A 69 -1.86 -2.93 -16.92
N TYR A 70 -0.97 -1.97 -16.75
CA TYR A 70 -1.06 -0.66 -17.40
C TYR A 70 0.31 -0.35 -18.00
N LYS A 71 0.30 0.03 -19.29
CA LYS A 71 1.54 0.24 -20.04
C LYS A 71 2.46 1.25 -19.39
N THR A 72 1.88 2.29 -18.81
CA THR A 72 2.65 3.44 -18.33
C THR A 72 2.85 3.48 -16.81
N ILE A 73 2.36 2.47 -16.07
CA ILE A 73 2.60 2.43 -14.63
C ILE A 73 3.61 1.32 -14.42
N LEU A 74 4.88 1.69 -14.36
CA LEU A 74 6.01 0.78 -14.24
C LEU A 74 6.82 1.01 -12.98
N PRO A 75 7.57 0.02 -12.52
CA PRO A 75 8.34 0.17 -11.26
C PRO A 75 9.63 0.98 -11.45
N ASN A 76 9.84 1.96 -10.60
CA ASN A 76 11.03 2.77 -10.67
C ASN A 76 12.22 1.83 -10.42
N PRO A 77 13.27 1.90 -11.23
CA PRO A 77 14.29 0.86 -11.17
C PRO A 77 15.06 0.81 -9.86
N HIS A 78 15.32 1.94 -9.21
CA HIS A 78 16.14 1.92 -8.01
C HIS A 78 15.47 1.16 -6.87
N SER A 79 14.13 1.12 -6.82
CA SER A 79 13.43 0.44 -5.74
C SER A 79 12.65 -0.78 -6.18
N ARG A 80 12.87 -1.25 -7.41
CA ARG A 80 12.14 -2.39 -7.91
C ARG A 80 12.45 -3.66 -7.16
N VAL A 81 11.41 -4.46 -6.90
CA VAL A 81 11.60 -5.79 -6.35
C VAL A 81 11.99 -6.75 -7.48
N CYS A 82 13.15 -7.38 -7.37
CA CYS A 82 13.59 -8.35 -8.37
C CYS A 82 13.45 -9.77 -7.79
N LEU A 83 12.84 -10.66 -8.55
CA LEU A 83 12.67 -12.06 -8.14
C LEU A 83 13.89 -12.90 -8.57
N THR A 84 14.05 -14.04 -7.92
CA THR A 84 15.21 -14.91 -8.18
C THR A 84 14.80 -16.35 -8.45
N ASP A 90 17.24 -14.62 -16.40
CA ASP A 90 16.19 -14.31 -17.36
C ASP A 90 15.53 -12.97 -17.04
N PRO A 91 15.79 -11.94 -17.85
CA PRO A 91 15.18 -10.63 -17.58
C PRO A 91 13.69 -10.67 -17.31
N LEU A 92 12.97 -11.59 -17.97
CA LEU A 92 11.52 -11.67 -17.82
C LEU A 92 11.12 -12.45 -16.57
N SER A 93 11.87 -13.50 -16.24
CA SER A 93 11.51 -14.35 -15.11
C SER A 93 11.66 -13.64 -13.78
N SER A 94 12.55 -12.66 -13.70
CA SER A 94 12.83 -11.94 -12.47
C SER A 94 12.04 -10.64 -12.35
N TYR A 95 11.18 -10.32 -13.31
CA TYR A 95 10.43 -9.07 -13.28
C TYR A 95 9.09 -9.22 -12.58
N ILE A 96 8.77 -8.23 -11.72
CA ILE A 96 7.42 -8.06 -11.21
C ILE A 96 7.20 -6.57 -11.03
N ASN A 97 5.97 -6.15 -11.21
CA ASN A 97 5.63 -4.73 -11.11
C ASN A 97 5.38 -4.47 -9.64
N ALA A 98 6.47 -4.11 -8.93
CA ALA A 98 6.47 -3.98 -7.45
C ALA A 98 7.66 -3.12 -7.04
N ASN A 99 7.49 -2.27 -5.99
CA ASN A 99 8.59 -1.44 -5.49
C ASN A 99 8.64 -1.55 -3.99
N TYR A 100 9.86 -1.56 -3.43
CA TYR A 100 10.01 -1.33 -1.98
C TYR A 100 9.64 0.11 -1.66
N ILE A 101 8.92 0.31 -0.55
CA ILE A 101 8.47 1.61 -0.10
C ILE A 101 9.02 1.85 1.30
N ARG A 102 9.63 3.02 1.51
CA ARG A 102 10.05 3.41 2.85
C ARG A 102 8.88 3.74 3.75
N GLY A 103 9.08 3.55 5.07
CA GLY A 103 8.09 3.92 6.05
C GLY A 103 8.39 5.23 6.77
N TYR A 104 7.81 5.36 7.93
CA TYR A 104 7.99 6.60 8.69
C TYR A 104 9.46 6.77 8.98
N GLY A 105 9.88 8.01 8.94
CA GLY A 105 11.29 8.34 9.16
C GLY A 105 12.26 7.79 8.13
N GLY A 106 11.75 7.29 7.03
CA GLY A 106 12.62 6.83 5.93
C GLY A 106 13.10 5.41 6.06
N GLU A 107 12.59 4.66 7.02
CA GLU A 107 12.98 3.28 7.26
C GLU A 107 12.80 2.46 5.98
N GLU A 108 13.82 1.67 5.63
CA GLU A 108 13.79 0.98 4.36
C GLU A 108 12.89 -0.21 4.36
N LYS A 109 12.21 -0.43 3.23
CA LYS A 109 11.54 -1.68 2.95
C LYS A 109 10.39 -2.02 3.92
N VAL A 110 9.68 -0.99 4.40
CA VAL A 110 8.57 -1.27 5.31
C VAL A 110 7.38 -1.87 4.58
N TYR A 111 7.15 -1.43 3.33
CA TYR A 111 6.08 -1.95 2.50
C TYR A 111 6.63 -2.36 1.13
N ILE A 112 5.80 -3.12 0.43
CA ILE A 112 5.94 -3.30 -1.01
C ILE A 112 4.61 -2.90 -1.61
N ALA A 113 4.64 -1.96 -2.55
CA ALA A 113 3.48 -1.58 -3.33
C ALA A 113 3.54 -2.32 -4.66
N THR A 114 2.43 -2.98 -5.06
CA THR A 114 2.46 -3.80 -6.28
C THR A 114 1.10 -3.78 -6.93
N GLN A 115 1.07 -4.10 -8.22
CA GLN A 115 -0.24 -4.20 -8.86
C GLN A 115 -0.97 -5.44 -8.38
N GLY A 116 -2.29 -5.42 -8.52
CA GLY A 116 -3.07 -6.61 -8.29
C GLY A 116 -2.69 -7.67 -9.30
N PRO A 117 -2.47 -8.90 -8.83
CA PRO A 117 -2.00 -9.95 -9.74
C PRO A 117 -2.94 -10.14 -10.91
N ILE A 118 -2.37 -10.44 -12.07
CA ILE A 118 -3.14 -10.88 -13.22
C ILE A 118 -2.88 -12.39 -13.42
N VAL A 119 -3.74 -13.03 -14.22
CA VAL A 119 -3.58 -14.48 -14.40
C VAL A 119 -2.14 -14.82 -14.78
N SER A 120 -1.49 -13.96 -15.55
CA SER A 120 -0.10 -14.15 -15.96
C SER A 120 0.93 -13.97 -14.84
N THR A 121 0.55 -13.42 -13.68
CA THR A 121 1.56 -13.11 -12.65
C THR A 121 1.20 -13.61 -11.26
N VAL A 122 0.12 -14.39 -11.13
CA VAL A 122 -0.25 -14.92 -9.82
C VAL A 122 0.91 -15.67 -9.19
N ALA A 123 1.65 -16.45 -10.00
CA ALA A 123 2.77 -17.26 -9.49
C ALA A 123 3.96 -16.39 -9.08
N ASP A 124 4.26 -15.34 -9.88
CA ASP A 124 5.30 -14.40 -9.53
C ASP A 124 4.99 -13.70 -8.21
N PHE A 125 3.70 -13.37 -8.01
CA PHE A 125 3.28 -12.70 -6.77
C PHE A 125 3.57 -13.55 -5.55
N TRP A 126 3.22 -14.84 -5.60
CA TRP A 126 3.50 -15.72 -4.46
C TRP A 126 4.97 -16.01 -4.32
N ARG A 127 5.72 -16.05 -5.42
CA ARG A 127 7.17 -16.13 -5.30
C ARG A 127 7.72 -14.93 -4.55
N MET A 128 7.16 -13.74 -4.81
CA MET A 128 7.61 -12.55 -4.10
C MET A 128 7.29 -12.65 -2.62
N VAL A 129 6.10 -13.11 -2.25
CA VAL A 129 5.72 -13.25 -0.86
C VAL A 129 6.70 -14.16 -0.15
N TRP A 130 7.07 -15.27 -0.81
CA TRP A 130 7.99 -16.20 -0.17
C TRP A 130 9.36 -15.58 -0.05
N GLN A 131 9.86 -14.99 -1.13
CA GLN A 131 11.23 -14.46 -1.16
C GLN A 131 11.42 -13.37 -0.12
N GLU A 132 10.37 -12.57 0.14
CA GLU A 132 10.48 -11.42 1.04
C GLU A 132 10.05 -11.73 2.47
N HIS A 133 9.61 -12.96 2.76
CA HIS A 133 9.09 -13.31 4.08
C HIS A 133 7.91 -12.41 4.51
N THR A 134 7.14 -11.97 3.53
CA THR A 134 6.05 -11.08 3.83
C THR A 134 5.07 -11.69 4.81
N PRO A 135 4.78 -11.02 5.94
CA PRO A 135 3.84 -11.58 6.92
C PRO A 135 2.41 -11.14 6.79
N ILE A 136 2.20 -10.05 6.03
CA ILE A 136 0.93 -9.37 5.93
C ILE A 136 0.78 -8.88 4.50
N ILE A 137 -0.40 -9.11 3.89
CA ILE A 137 -0.88 -8.53 2.65
C ILE A 137 -2.15 -7.70 2.91
N VAL A 138 -2.21 -6.50 2.34
CA VAL A 138 -3.36 -5.63 2.43
C VAL A 138 -3.89 -5.44 1.02
N MET A 139 -5.14 -5.87 0.79
CA MET A 139 -5.81 -5.76 -0.51
CA MET A 139 -5.79 -5.75 -0.50
C MET A 139 -6.96 -4.79 -0.35
N ILE A 140 -6.99 -3.74 -1.18
CA ILE A 140 -7.90 -2.62 -0.95
C ILE A 140 -8.96 -2.55 -2.04
N THR A 141 -10.20 -2.98 -1.71
CA THR A 141 -11.32 -2.98 -2.63
C THR A 141 -12.54 -2.29 -2.00
N ASN A 142 -13.55 -2.08 -2.83
CA ASN A 142 -14.83 -1.54 -2.36
C ASN A 142 -15.81 -2.70 -2.10
N CYS A 150 -10.06 -6.57 -6.49
CA CYS A 150 -9.13 -6.03 -7.47
C CYS A 150 -8.34 -7.14 -8.19
N THR A 151 -8.73 -8.41 -7.94
CA THR A 151 -8.07 -9.57 -8.54
C THR A 151 -8.66 -10.86 -7.96
N GLU A 152 -8.03 -12.00 -8.24
CA GLU A 152 -8.44 -13.28 -7.64
C GLU A 152 -7.23 -14.21 -7.66
N TYR A 153 -6.57 -14.36 -6.50
CA TYR A 153 -5.35 -15.15 -6.42
C TYR A 153 -5.24 -15.99 -5.15
N TRP A 154 -6.23 -15.95 -4.25
CA TRP A 154 -6.20 -16.73 -3.00
C TRP A 154 -7.08 -17.98 -3.14
N PRO A 155 -6.66 -19.09 -2.54
CA PRO A 155 -7.37 -20.35 -2.78
C PRO A 155 -8.59 -20.54 -1.90
N GLU A 156 -9.53 -21.32 -2.40
CA GLU A 156 -10.65 -21.76 -1.59
C GLU A 156 -10.16 -22.52 -0.37
N GLU A 157 -9.41 -23.61 -0.60
CA GLU A 157 -8.75 -24.34 0.47
C GLU A 157 -7.24 -24.35 0.26
N GLN A 158 -6.75 -25.02 -0.78
CA GLN A 158 -5.32 -25.10 -1.04
C GLN A 158 -5.05 -24.88 -2.52
N VAL A 159 -3.88 -24.29 -2.80
CA VAL A 159 -3.31 -24.22 -4.15
C VAL A 159 -1.79 -24.15 -3.96
N ALA A 160 -1.06 -24.49 -5.00
CA ALA A 160 0.40 -24.41 -5.01
C ALA A 160 0.87 -23.67 -6.25
N TYR A 161 1.91 -22.87 -6.08
CA TYR A 161 2.55 -22.14 -7.16
C TYR A 161 4.07 -22.26 -6.99
N ASP A 162 4.74 -22.68 -8.06
CA ASP A 162 6.19 -22.75 -8.14
C ASP A 162 6.85 -23.18 -6.84
N GLY A 163 6.29 -24.20 -6.18
CA GLY A 163 6.93 -24.84 -5.05
C GLY A 163 6.38 -24.44 -3.69
N VAL A 164 5.55 -23.41 -3.59
CA VAL A 164 5.01 -22.97 -2.31
C VAL A 164 3.52 -23.29 -2.28
N GLU A 165 3.10 -23.93 -1.19
CA GLU A 165 1.72 -24.36 -0.98
C GLU A 165 1.01 -23.35 -0.10
N ILE A 166 -0.19 -22.93 -0.52
CA ILE A 166 -0.92 -21.84 0.12
C ILE A 166 -2.23 -22.41 0.67
N THR A 167 -2.37 -22.40 1.99
CA THR A 167 -3.52 -23.01 2.65
C THR A 167 -4.21 -21.96 3.50
N VAL A 168 -5.50 -21.78 3.27
CA VAL A 168 -6.33 -20.86 4.04
C VAL A 168 -6.90 -21.64 5.22
N GLN A 169 -6.42 -21.35 6.44
CA GLN A 169 -6.86 -22.05 7.62
C GLN A 169 -8.13 -21.47 8.24
N LYS A 170 -8.31 -20.16 8.20
CA LYS A 170 -9.43 -19.53 8.89
C LYS A 170 -9.78 -18.25 8.15
N VAL A 171 -11.06 -17.89 8.19
CA VAL A 171 -11.58 -16.63 7.64
C VAL A 171 -12.34 -15.91 8.74
N ILE A 172 -11.92 -14.69 9.03
CA ILE A 172 -12.55 -13.86 10.06
C ILE A 172 -13.28 -12.71 9.37
N HIS A 173 -14.60 -12.65 9.51
CA HIS A 173 -15.39 -11.56 8.96
C HIS A 173 -15.53 -10.46 10.01
N THR A 174 -15.08 -9.25 9.68
CA THR A 174 -15.36 -8.07 10.49
C THR A 174 -16.05 -7.03 9.61
N GLU A 175 -16.51 -5.96 10.25
CA GLU A 175 -17.33 -4.95 9.58
C GLU A 175 -16.56 -4.27 8.46
N ASP A 176 -15.26 -4.01 8.68
CA ASP A 176 -14.45 -3.23 7.74
C ASP A 176 -13.55 -4.09 6.86
N TYR A 177 -13.27 -5.35 7.22
CA TYR A 177 -12.40 -6.18 6.42
C TYR A 177 -12.63 -7.65 6.75
N ARG A 178 -12.18 -8.51 5.84
CA ARG A 178 -12.09 -9.95 6.07
C ARG A 178 -10.63 -10.34 6.18
N LEU A 179 -10.27 -11.03 7.27
CA LEU A 179 -8.91 -11.42 7.54
C LEU A 179 -8.77 -12.93 7.33
N ARG A 180 -7.85 -13.33 6.46
CA ARG A 180 -7.55 -14.73 6.21
C ARG A 180 -6.22 -15.11 6.83
N LEU A 181 -6.24 -16.13 7.68
CA LEU A 181 -5.02 -16.67 8.27
C LEU A 181 -4.54 -17.79 7.38
N ILE A 182 -3.37 -17.64 6.82
CA ILE A 182 -2.88 -18.52 5.77
C ILE A 182 -1.57 -19.14 6.20
N SER A 183 -1.35 -20.37 5.74
N SER A 183 -1.35 -20.37 5.74
CA SER A 183 -0.10 -21.07 5.94
CA SER A 183 -0.08 -21.07 5.95
C SER A 183 0.59 -21.29 4.61
C SER A 183 0.59 -21.27 4.61
N LEU A 184 1.89 -21.03 4.57
CA LEU A 184 2.71 -21.20 3.37
C LEU A 184 3.70 -22.32 3.65
N LYS A 185 3.68 -23.36 2.81
CA LYS A 185 4.56 -24.51 2.96
C LYS A 185 5.36 -24.71 1.68
N SER A 186 6.67 -24.80 1.82
CA SER A 186 7.57 -25.05 0.70
C SER A 186 8.69 -25.94 1.23
N GLY A 187 8.61 -27.22 0.94
CA GLY A 187 9.61 -28.14 1.47
C GLY A 187 9.33 -28.37 2.93
N THR A 188 10.38 -28.24 3.74
CA THR A 188 10.28 -28.47 5.18
C THR A 188 9.89 -27.22 5.97
N GLU A 189 9.78 -26.06 5.31
CA GLU A 189 9.52 -24.79 5.99
C GLU A 189 8.05 -24.43 5.91
N GLU A 190 7.50 -23.97 7.04
CA GLU A 190 6.15 -23.45 7.11
C GLU A 190 6.19 -22.03 7.69
N ARG A 191 5.40 -21.14 7.08
CA ARG A 191 5.30 -19.75 7.51
C ARG A 191 3.83 -19.36 7.68
N GLY A 192 3.59 -18.39 8.57
CA GLY A 192 2.29 -17.76 8.64
C GLY A 192 2.17 -16.52 7.74
N LEU A 193 0.94 -16.18 7.43
CA LEU A 193 0.63 -15.01 6.63
C LEU A 193 -0.78 -14.55 6.99
N LYS A 194 -0.97 -13.23 7.10
CA LYS A 194 -2.28 -12.64 7.35
C LYS A 194 -2.66 -11.83 6.10
N HIS A 195 -3.85 -12.10 5.55
CA HIS A 195 -4.34 -11.41 4.35
C HIS A 195 -5.57 -10.61 4.73
N TYR A 196 -5.46 -9.28 4.64
CA TYR A 196 -6.52 -8.36 4.96
C TYR A 196 -7.19 -7.90 3.68
N TRP A 197 -8.47 -8.20 3.55
CA TRP A 197 -9.26 -7.84 2.38
C TRP A 197 -10.21 -6.73 2.83
N PHE A 198 -9.89 -5.50 2.45
CA PHE A 198 -10.68 -4.35 2.84
C PHE A 198 -11.76 -4.17 1.79
N THR A 199 -12.99 -4.00 2.27
CA THR A 199 -14.14 -3.96 1.38
C THR A 199 -14.86 -2.63 1.38
N SER A 200 -14.38 -1.63 2.13
CA SER A 200 -15.12 -0.40 2.34
C SER A 200 -14.46 0.80 1.68
N TRP A 201 -13.79 0.59 0.55
CA TRP A 201 -13.19 1.70 -0.16
C TRP A 201 -14.31 2.51 -0.78
N PRO A 202 -14.43 3.81 -0.49
CA PRO A 202 -15.60 4.58 -0.94
C PRO A 202 -15.48 5.13 -2.35
N ASP A 203 -16.63 5.21 -3.02
CA ASP A 203 -16.68 5.95 -4.29
C ASP A 203 -16.54 7.45 -4.06
N GLN A 204 -17.30 8.02 -3.14
CA GLN A 204 -17.14 9.40 -2.74
C GLN A 204 -16.31 9.48 -1.49
N LYS A 205 -15.20 10.19 -1.56
CA LYS A 205 -14.21 10.22 -0.47
C LYS A 205 -14.54 11.29 0.57
N THR A 206 -15.72 11.21 1.13
CA THR A 206 -16.15 12.21 2.09
C THR A 206 -15.79 11.80 3.51
N PRO A 207 -15.83 12.75 4.46
CA PRO A 207 -15.35 12.42 5.80
C PRO A 207 -16.11 11.29 6.51
N ASP A 208 -17.41 11.10 6.21
CA ASP A 208 -18.19 10.00 6.79
C ASP A 208 -17.65 8.62 6.42
N ARG A 209 -16.80 8.52 5.38
CA ARG A 209 -16.27 7.28 4.91
C ARG A 209 -14.85 7.05 5.43
N ALA A 210 -14.33 7.93 6.25
CA ALA A 210 -12.96 7.78 6.77
C ALA A 210 -12.79 6.68 7.84
N PRO A 211 -13.72 6.47 8.75
CA PRO A 211 -13.42 5.57 9.90
C PRO A 211 -12.95 4.18 9.50
N PRO A 212 -13.56 3.51 8.52
CA PRO A 212 -13.12 2.13 8.21
C PRO A 212 -11.65 2.07 7.79
N LEU A 213 -11.22 3.03 6.97
CA LEU A 213 -9.83 3.06 6.56
C LEU A 213 -8.91 3.28 7.72
N LEU A 214 -9.24 4.22 8.59
CA LEU A 214 -8.44 4.40 9.78
C LEU A 214 -8.38 3.14 10.62
N HIS A 215 -9.54 2.45 10.76
CA HIS A 215 -9.51 1.19 11.54
C HIS A 215 -8.57 0.17 10.89
N LEU A 216 -8.67 -0.02 9.56
CA LEU A 216 -7.75 -0.95 8.89
C LEU A 216 -6.28 -0.58 9.17
N VAL A 217 -5.93 0.72 8.98
CA VAL A 217 -4.55 1.17 9.22
C VAL A 217 -4.10 0.78 10.59
N ARG A 218 -4.94 1.00 11.61
CA ARG A 218 -4.57 0.71 12.99
C ARG A 218 -4.43 -0.81 13.22
N GLU A 219 -5.37 -1.59 12.73
CA GLU A 219 -5.25 -3.05 12.91
C GLU A 219 -4.00 -3.59 12.25
N VAL A 220 -3.64 -3.08 11.04
CA VAL A 220 -2.47 -3.61 10.35
C VAL A 220 -1.18 -3.18 11.07
N GLU A 221 -1.12 -1.95 11.56
CA GLU A 221 0.13 -1.58 12.20
C GLU A 221 0.33 -2.34 13.52
N GLU A 222 -0.75 -2.66 14.21
CA GLU A 222 -0.63 -3.50 15.40
C GLU A 222 -0.18 -4.91 15.04
N ALA A 223 -0.76 -5.51 13.99
CA ALA A 223 -0.29 -6.83 13.53
C ALA A 223 1.20 -6.80 13.19
N ALA A 224 1.62 -5.74 12.51
CA ALA A 224 3.02 -5.61 12.15
C ALA A 224 3.91 -5.52 13.40
N GLN A 225 3.51 -4.76 14.39
CA GLN A 225 4.30 -4.74 15.63
C GLN A 225 4.38 -6.12 16.24
N GLN A 226 3.31 -6.90 16.14
CA GLN A 226 3.30 -8.24 16.76
C GLN A 226 4.28 -9.18 16.09
N GLU A 227 4.79 -8.84 14.90
CA GLU A 227 5.84 -9.64 14.28
C GLU A 227 7.22 -9.45 14.90
N GLY A 228 7.42 -8.41 15.68
CA GLY A 228 8.67 -8.18 16.35
C GLY A 228 9.67 -7.37 15.55
N PRO A 229 10.90 -7.34 16.02
CA PRO A 229 11.89 -6.44 15.41
C PRO A 229 12.10 -6.75 13.94
N HIS A 230 12.25 -5.65 13.18
CA HIS A 230 12.60 -5.70 11.74
C HIS A 230 11.60 -6.53 10.95
N CYS A 231 10.34 -6.17 11.09
CA CYS A 231 9.27 -6.82 10.36
C CYS A 231 9.60 -6.80 8.89
N ALA A 232 9.35 -7.92 8.20
CA ALA A 232 9.56 -8.03 6.77
C ALA A 232 8.54 -7.16 6.04
N PRO A 233 8.71 -6.93 4.76
CA PRO A 233 7.83 -5.95 4.09
C PRO A 233 6.38 -6.38 4.01
N ILE A 234 5.50 -5.40 4.22
CA ILE A 234 4.05 -5.57 4.12
C ILE A 234 3.63 -5.26 2.69
N ILE A 235 2.97 -6.20 2.03
CA ILE A 235 2.55 -6.01 0.63
C ILE A 235 1.18 -5.36 0.61
N VAL A 236 1.06 -4.27 -0.17
CA VAL A 236 -0.17 -3.53 -0.33
C VAL A 236 -0.49 -3.44 -1.82
N HIS A 237 -1.74 -3.71 -2.19
CA HIS A 237 -2.15 -3.56 -3.60
C HIS A 237 -3.66 -3.36 -3.75
N CYS A 238 -4.06 -2.79 -4.91
CA CYS A 238 -5.41 -3.05 -5.45
C CYS A 238 -5.23 -3.36 -6.93
N SER A 239 -5.45 -2.37 -7.81
CA SER A 239 -5.30 -2.60 -9.26
C SER A 239 -3.90 -2.22 -9.76
N ALA A 240 -3.63 -0.92 -9.86
CA ALA A 240 -2.34 -0.49 -10.38
C ALA A 240 -1.23 -0.44 -9.33
N GLY A 241 -1.60 -0.50 -8.07
CA GLY A 241 -0.60 -0.43 -7.01
C GLY A 241 -0.12 0.96 -6.67
N ILE A 242 -0.89 2.01 -6.98
CA ILE A 242 -0.41 3.36 -6.71
C ILE A 242 -1.45 4.22 -5.99
N GLY A 243 -2.74 4.12 -6.35
CA GLY A 243 -3.68 5.11 -5.88
C GLY A 243 -4.18 4.78 -4.48
N ARG A 244 -5.05 3.79 -4.37
CA ARG A 244 -5.55 3.40 -3.06
C ARG A 244 -4.38 2.95 -2.20
N THR A 245 -3.42 2.27 -2.83
CA THR A 245 -2.21 1.79 -2.17
C THR A 245 -1.44 2.93 -1.50
N GLY A 246 -1.25 4.00 -2.23
CA GLY A 246 -0.58 5.16 -1.68
C GLY A 246 -1.34 5.82 -0.56
N CYS A 247 -2.68 5.90 -0.69
N CYS A 247 -2.68 5.88 -0.69
CA CYS A 247 -3.49 6.41 0.40
CA CYS A 247 -3.52 6.40 0.38
C CYS A 247 -3.28 5.60 1.67
C CYS A 247 -3.33 5.60 1.68
N PHE A 248 -3.34 4.26 1.58
CA PHE A 248 -3.15 3.42 2.75
C PHE A 248 -1.78 3.62 3.40
N ILE A 249 -0.72 3.63 2.56
CA ILE A 249 0.63 3.77 3.14
C ILE A 249 0.82 5.16 3.71
N ALA A 250 0.33 6.20 3.02
CA ALA A 250 0.53 7.55 3.52
C ALA A 250 -0.14 7.74 4.87
N THR A 251 -1.38 7.22 5.00
CA THR A 251 -2.09 7.29 6.26
C THR A 251 -1.30 6.53 7.34
N SER A 252 -0.79 5.36 7.01
CA SER A 252 -0.05 4.58 8.00
C SER A 252 1.14 5.37 8.54
N ILE A 253 1.93 5.97 7.61
CA ILE A 253 3.08 6.78 7.96
C ILE A 253 2.68 7.94 8.83
N CYS A 254 1.61 8.66 8.44
CA CYS A 254 1.25 9.88 9.16
C CYS A 254 0.62 9.59 10.51
N CYS A 255 0.04 8.41 10.70
CA CYS A 255 -0.41 8.00 12.04
C CYS A 255 0.77 7.87 13.02
N GLN A 256 1.88 7.29 12.59
CA GLN A 256 3.08 7.23 13.44
C GLN A 256 3.62 8.64 13.66
N GLN A 257 3.61 9.48 12.59
CA GLN A 257 4.09 10.83 12.77
C GLN A 257 3.26 11.59 13.79
N LEU A 258 1.93 11.52 13.71
CA LEU A 258 1.10 12.28 14.62
C LEU A 258 1.35 11.82 16.07
N ARG A 259 1.49 10.52 16.27
CA ARG A 259 1.72 10.04 17.65
C ARG A 259 3.06 10.47 18.18
N GLN A 260 4.11 10.46 17.34
CA GLN A 260 5.45 10.75 17.85
C GLN A 260 5.70 12.25 17.93
N GLU A 261 5.28 13.00 16.88
CA GLU A 261 5.67 14.42 16.73
C GLU A 261 4.54 15.40 17.02
N GLY A 262 3.31 14.97 17.11
CA GLY A 262 2.22 15.89 17.33
C GLY A 262 1.78 16.68 16.12
N VAL A 263 2.32 16.36 14.94
CA VAL A 263 1.97 17.04 13.69
C VAL A 263 1.84 15.99 12.59
N VAL A 264 1.28 16.42 11.43
CA VAL A 264 1.36 15.59 10.24
C VAL A 264 1.94 16.40 9.07
N ASP A 265 2.68 15.72 8.21
CA ASP A 265 3.25 16.31 6.96
C ASP A 265 2.88 15.34 5.85
N ILE A 266 1.65 15.48 5.38
CA ILE A 266 1.12 14.66 4.28
C ILE A 266 1.87 15.01 2.96
N LEU A 267 2.25 16.28 2.74
CA LEU A 267 2.99 16.66 1.53
C LEU A 267 4.36 15.98 1.52
N LYS A 268 5.10 16.02 2.64
CA LYS A 268 6.39 15.39 2.64
C LYS A 268 6.28 13.89 2.47
N THR A 269 5.30 13.27 3.18
CA THR A 269 5.06 11.85 3.03
C THR A 269 4.77 11.51 1.55
N THR A 270 3.86 12.29 0.88
CA THR A 270 3.52 11.98 -0.51
C THR A 270 4.75 12.09 -1.41
N CYS A 271 5.59 13.09 -1.13
N CYS A 271 5.59 13.10 -1.14
CA CYS A 271 6.83 13.28 -1.88
CA CYS A 271 6.83 13.25 -1.90
C CYS A 271 7.78 12.08 -1.70
C CYS A 271 7.73 12.03 -1.72
N GLN A 272 7.90 11.57 -0.47
CA GLN A 272 8.72 10.39 -0.24
C GLN A 272 8.17 9.15 -0.96
N LEU A 273 6.86 8.99 -0.95
CA LEU A 273 6.23 7.86 -1.61
C LEU A 273 6.46 7.92 -3.13
N ARG A 274 6.36 9.12 -3.72
CA ARG A 274 6.59 9.31 -5.17
C ARG A 274 8.03 9.01 -5.56
N GLN A 275 9.01 9.36 -4.69
CA GLN A 275 10.40 8.92 -4.95
C GLN A 275 10.54 7.41 -5.02
N ASP A 276 9.79 6.66 -4.22
CA ASP A 276 9.87 5.22 -4.19
C ASP A 276 9.10 4.56 -5.33
N ARG A 277 7.94 5.09 -5.69
CA ARG A 277 7.16 4.51 -6.79
C ARG A 277 6.33 5.61 -7.45
N GLY A 278 6.49 5.79 -8.76
CA GLY A 278 5.79 6.88 -9.39
C GLY A 278 4.28 6.73 -9.27
N GLY A 279 3.62 7.86 -9.03
CA GLY A 279 2.18 7.95 -9.04
C GLY A 279 1.49 7.66 -7.74
N MET A 280 2.22 7.33 -6.69
CA MET A 280 1.57 7.05 -5.39
C MET A 280 0.67 8.21 -4.96
N ILE A 281 -0.61 7.87 -4.66
CA ILE A 281 -1.75 8.76 -4.48
C ILE A 281 -2.05 9.41 -5.85
N GLN A 282 -2.98 8.84 -6.56
CA GLN A 282 -3.18 9.21 -7.98
C GLN A 282 -4.09 10.43 -8.19
N THR A 283 -5.07 10.65 -7.34
CA THR A 283 -6.07 11.71 -7.53
C THR A 283 -6.16 12.69 -6.38
N CYS A 284 -6.62 13.91 -6.68
N CYS A 284 -6.62 13.91 -6.70
CA CYS A 284 -6.78 14.90 -5.63
CA CYS A 284 -6.78 14.90 -5.64
C CYS A 284 -7.83 14.42 -4.62
C CYS A 284 -7.85 14.46 -4.64
N GLU A 285 -8.83 13.67 -5.09
CA GLU A 285 -9.83 13.16 -4.16
C GLU A 285 -9.17 12.21 -3.14
N GLN A 286 -8.22 11.37 -3.61
CA GLN A 286 -7.46 10.51 -2.72
C GLN A 286 -6.62 11.33 -1.74
N TYR A 287 -5.94 12.37 -2.24
CA TYR A 287 -5.18 13.27 -1.41
C TYR A 287 -6.03 13.90 -0.32
N GLN A 288 -7.21 14.40 -0.67
CA GLN A 288 -8.11 14.96 0.34
C GLN A 288 -8.52 13.86 1.32
N PHE A 289 -8.77 12.65 0.83
CA PHE A 289 -9.22 11.56 1.72
C PHE A 289 -8.19 11.29 2.80
N VAL A 290 -6.88 11.36 2.47
CA VAL A 290 -5.88 11.14 3.54
C VAL A 290 -5.97 12.23 4.58
N HIS A 291 -6.24 13.49 4.13
CA HIS A 291 -6.40 14.56 5.09
C HIS A 291 -7.62 14.32 5.98
N HIS A 292 -8.71 13.84 5.40
CA HIS A 292 -9.91 13.56 6.21
C HIS A 292 -9.61 12.52 7.28
N VAL A 293 -8.86 11.46 6.91
CA VAL A 293 -8.54 10.39 7.84
C VAL A 293 -7.64 10.91 8.93
N MET A 294 -6.62 11.71 8.59
CA MET A 294 -5.76 12.20 9.65
C MET A 294 -6.47 13.20 10.56
N SER A 295 -7.38 14.04 9.99
CA SER A 295 -8.17 14.94 10.82
C SER A 295 -9.04 14.16 11.84
N LEU A 296 -9.63 13.06 11.42
CA LEU A 296 -10.38 12.19 12.32
C LEU A 296 -9.50 11.65 13.42
N TYR A 297 -8.36 11.13 13.04
CA TYR A 297 -7.48 10.46 14.02
C TYR A 297 -6.98 11.46 15.05
N GLU A 298 -6.70 12.71 14.61
CA GLU A 298 -6.27 13.72 15.54
C GLU A 298 -7.36 14.03 16.56
N LYS A 299 -8.62 14.12 16.09
CA LYS A 299 -9.70 14.35 17.04
C LYS A 299 -9.82 13.19 18.03
N GLN A 300 -9.75 11.97 17.55
CA GLN A 300 -9.79 10.82 18.43
C GLN A 300 -8.69 10.89 19.48
N LEU A 301 -7.47 11.26 19.07
CA LEU A 301 -6.36 11.29 20.03
C LEU A 301 -6.55 12.38 21.06
N SER A 302 -7.11 13.53 20.65
CA SER A 302 -7.31 14.63 21.59
C SER A 302 -8.57 14.43 22.44
N HIS A 303 -9.42 13.45 22.10
CA HIS A 303 -10.65 13.14 22.85
C HIS A 303 -11.62 14.31 22.79
C4 A1BHT B . 10.91 14.62 -5.24
C5 A1BHT B . 11.98 14.21 -5.90
C6 A1BHT B . 11.85 13.09 -6.94
C7 A1BHT B . 13.61 11.49 -7.16
C8 A1BHT B . 14.10 10.54 -8.26
C10 A1BHT B . 9.43 13.03 -6.40
C1 A1BHT B . 8.28 14.44 -4.79
C2 A1BHT B . 8.30 15.59 -3.76
C3 A1BHT B . 9.54 13.99 -5.51
C9 A1BHT B . 10.68 12.55 -7.16
O1 A1BHT B . 7.26 13.89 -5.06
O2 A1BHT B . 12.97 12.63 -7.68
O3 A1BHT B . 14.67 11.02 -9.29
O4 A1BHT B . 13.95 9.28 -8.14
H3 A1BHT B . 10.99 15.31 -4.60
H4 A1BHT B . 12.81 14.59 -5.74
H5 A1BHT B . 14.36 11.78 -6.62
H6 A1BHT B . 12.97 11.01 -6.60
H8 A1BHT B . 8.60 12.64 -6.57
H2 A1BHT B . 8.91 16.27 -4.09
H10 A1BHT B . 7.42 15.95 -3.65
H7 A1BHT B . 10.59 11.89 -7.80
C4 A1BHT C . -12.13 18.73 -6.58
C5 A1BHT C . -13.43 18.79 -6.42
C6 A1BHT C . -14.07 18.26 -5.14
C7 A1BHT C . -16.14 17.24 -5.54
C8 A1BHT C . -17.32 17.76 -6.38
C10 A1BHT C . -11.81 17.66 -4.37
C1 A1BHT C . -9.77 18.07 -5.69
C2 A1BHT C . -8.81 17.73 -4.53
C3 A1BHT C . -11.27 18.11 -5.48
C9 A1BHT C . -13.33 17.73 -4.19
O1 A1BHT C . -9.38 18.33 -6.80
O2 A1BHT C . -15.45 18.35 -5.02
O3 A1BHT C . -17.72 17.10 -7.38
O4 A1BHT C . -17.89 18.85 -6.06
H3 A1BHT C . -11.73 19.05 -7.36
H4 A1BHT C . -13.95 19.17 -7.09
H5 A1BHT C . -16.47 16.69 -4.82
H6 A1BHT C . -15.55 16.72 -6.11
H8 A1BHT C . -11.29 17.29 -3.70
H2 A1BHT C . -8.83 18.44 -3.87
H10 A1BHT C . -9.11 16.91 -4.11
H7 A1BHT C . -13.73 17.41 -3.41
S DMS D . 15.24 -0.12 -2.21
O DMS D . 15.16 -0.29 -0.70
C1 DMS D . 16.84 -0.77 -2.80
C2 DMS D . 15.35 1.65 -2.64
H11 DMS D . 16.99 -1.74 -2.38
H12 DMS D . 16.83 -0.84 -3.85
H13 DMS D . 17.62 -0.13 -2.49
H21 DMS D . 14.53 2.17 -2.20
H22 DMS D . 15.30 1.76 -3.69
H23 DMS D . 16.26 2.04 -2.27
S SO4 E . -4.28 1.02 -6.67
O1 SO4 E . -3.51 1.12 -5.44
O2 SO4 E . -5.62 1.53 -6.44
O3 SO4 E . -3.69 1.86 -7.82
O4 SO4 E . -4.17 -0.39 -6.75
S SO4 F . -10.60 5.25 -6.66
O1 SO4 F . -10.21 6.19 -5.64
O2 SO4 F . -11.98 4.80 -6.40
O3 SO4 F . -9.72 4.11 -6.77
O4 SO4 F . -10.56 5.98 -7.96
#